data_9CSZ
#
_entry.id   9CSZ
#
_cell.length_a   62.398
_cell.length_b   76.711
_cell.length_c   82.369
_cell.angle_alpha   90.00
_cell.angle_beta   90.00
_cell.angle_gamma   90.00
#
_symmetry.space_group_name_H-M   'P 21 21 2'
#
loop_
_entity.id
_entity.type
_entity.pdbx_description
1 polymer 'KTI-A protein'
2 non-polymer GLYCEROL
3 non-polymer 2-{2-[2-2-(METHOXY-ETHOXY)-ETHOXY]-ETHOXY}-ETHANOL
4 non-polymer alpha-D-mannopyranose
5 water water
#
_entity_poly.entity_id   1
_entity_poly.type   'polypeptide(L)'
_entity_poly.pdbx_seq_one_letter_code
;ESPLPKPVLDTNGKKLNPNSSYRIISTFWGALGGDVYLGKSPNSDAPCPDGVFRYNSDVGPSGTPVRFIPLSGANIFEDQ
LLNIQFNIPTVKLCVSYTIWKVGNINAHLRTMLLETGGTIGQADSSYFKIVKSSKFGYNLLYCPLTRHFLCPFCRDDNFC
AKVGVVIQNGKRRLALVNENPLDVLFQEVHHHHHH
;
_entity_poly.pdbx_strand_id   B,A
#
loop_
_chem_comp.id
_chem_comp.type
_chem_comp.name
_chem_comp.formula
ETE non-polymer 2-{2-[2-2-(METHOXY-ETHOXY)-ETHOXY]-ETHOXY}-ETHANOL 'C9 H20 O5'
GOL non-polymer GLYCEROL 'C3 H8 O3'
MAN D-saccharide, alpha linking alpha-D-mannopyranose 'C6 H12 O6'
#
# COMPACT_ATOMS: atom_id res chain seq x y z
N SER A 2 23.82 14.32 -30.86
CA SER A 2 25.06 14.70 -30.20
C SER A 2 25.08 14.48 -28.67
N PRO A 3 24.07 14.95 -27.91
CA PRO A 3 24.10 14.71 -26.46
C PRO A 3 23.56 13.34 -26.10
N LEU A 4 24.22 12.70 -25.15
N LEU A 4 24.24 12.68 -25.17
CA LEU A 4 23.72 11.44 -24.63
CA LEU A 4 23.73 11.45 -24.59
C LEU A 4 22.64 11.70 -23.57
C LEU A 4 22.57 11.75 -23.65
N PRO A 5 21.69 10.78 -23.40
CA PRO A 5 20.54 11.03 -22.53
C PRO A 5 20.93 11.19 -21.07
N LYS A 6 19.96 11.68 -20.30
CA LYS A 6 20.13 12.05 -18.90
C LYS A 6 19.44 11.05 -18.00
N PRO A 7 20.12 10.40 -17.05
CA PRO A 7 19.43 9.48 -16.14
C PRO A 7 18.45 10.23 -15.24
N VAL A 8 17.31 9.58 -14.97
CA VAL A 8 16.39 10.03 -13.94
C VAL A 8 16.98 9.65 -12.59
N LEU A 9 16.88 10.57 -11.62
CA LEU A 9 17.44 10.36 -10.29
C LEU A 9 16.33 10.23 -9.26
N ASP A 10 16.61 9.46 -8.21
CA ASP A 10 15.71 9.36 -7.09
C ASP A 10 16.01 10.48 -6.09
N THR A 11 15.28 10.49 -4.96
CA THR A 11 15.48 11.55 -4.00
C THR A 11 16.85 11.49 -3.33
N ASN A 12 17.58 10.40 -3.45
CA ASN A 12 18.95 10.35 -2.92
C ASN A 12 19.99 10.73 -3.96
N GLY A 13 19.56 11.13 -5.16
CA GLY A 13 20.49 11.44 -6.21
C GLY A 13 21.04 10.24 -6.95
N LYS A 14 20.43 9.08 -6.79
CA LYS A 14 20.89 7.88 -7.45
C LYS A 14 20.04 7.58 -8.69
N LYS A 15 20.69 7.08 -9.74
N LYS A 15 20.69 7.08 -9.74
N LYS A 15 20.69 7.09 -9.74
CA LYS A 15 20.00 6.78 -10.98
CA LYS A 15 20.00 6.78 -10.98
CA LYS A 15 19.99 6.79 -10.97
C LYS A 15 18.91 5.74 -10.74
C LYS A 15 18.91 5.73 -10.75
C LYS A 15 18.90 5.75 -10.73
N LEU A 16 17.75 5.94 -11.38
CA LEU A 16 16.68 4.98 -11.28
C LEU A 16 17.09 3.66 -11.90
N ASN A 17 16.68 2.56 -11.27
CA ASN A 17 17.07 1.21 -11.61
C ASN A 17 15.82 0.38 -11.84
N PRO A 18 15.70 -0.35 -12.95
CA PRO A 18 14.50 -1.17 -13.13
C PRO A 18 14.37 -2.28 -12.08
N ASN A 19 15.45 -2.63 -11.40
CA ASN A 19 15.40 -3.64 -10.35
C ASN A 19 15.02 -3.09 -8.99
N SER A 20 14.82 -1.78 -8.87
CA SER A 20 14.44 -1.15 -7.61
C SER A 20 12.95 -0.78 -7.60
N SER A 21 12.48 -0.42 -6.41
CA SER A 21 11.10 0.01 -6.18
C SER A 21 11.10 1.46 -5.72
N TYR A 22 10.14 2.25 -6.20
CA TYR A 22 10.07 3.66 -5.83
C TYR A 22 8.64 4.05 -5.50
N ARG A 23 8.46 4.88 -4.49
CA ARG A 23 7.21 5.61 -4.36
C ARG A 23 7.26 6.84 -5.25
N ILE A 24 6.11 7.19 -5.83
CA ILE A 24 5.97 8.43 -6.58
C ILE A 24 5.35 9.44 -5.63
N ILE A 25 6.16 10.39 -5.18
CA ILE A 25 5.75 11.31 -4.14
C ILE A 25 5.65 12.70 -4.76
N SER A 26 4.88 13.54 -4.09
CA SER A 26 4.72 14.92 -4.56
C SER A 26 5.85 15.80 -4.05
N THR A 27 5.91 17.02 -4.57
CA THR A 27 6.76 18.05 -4.02
C THR A 27 6.01 18.95 -3.04
N PHE A 28 4.77 18.60 -2.70
CA PHE A 28 3.95 19.33 -1.76
C PHE A 28 4.16 18.84 -0.34
N TRP A 29 3.52 19.51 0.63
CA TRP A 29 3.57 19.13 2.03
C TRP A 29 2.18 19.29 2.65
N GLY A 30 2.02 18.71 3.84
CA GLY A 30 0.79 18.92 4.61
C GLY A 30 -0.44 18.45 3.85
N ALA A 31 -1.44 19.32 3.79
CA ALA A 31 -2.68 19.00 3.10
C ALA A 31 -2.52 18.91 1.59
N LEU A 32 -1.42 19.43 1.04
CA LEU A 32 -1.19 19.35 -0.40
C LEU A 32 -0.29 18.19 -0.81
N GLY A 33 0.53 17.67 0.09
CA GLY A 33 1.26 16.46 -0.21
C GLY A 33 0.34 15.27 -0.35
N GLY A 34 0.93 14.13 -0.70
CA GLY A 34 0.16 12.91 -0.88
C GLY A 34 0.70 12.09 -2.03
N ASP A 35 1.18 10.90 -1.72
CA ASP A 35 1.84 10.04 -2.69
C ASP A 35 0.83 9.35 -3.62
N VAL A 36 1.33 8.89 -4.76
CA VAL A 36 0.51 8.11 -5.69
C VAL A 36 0.21 6.75 -5.06
N TYR A 37 -1.01 6.24 -5.28
CA TYR A 37 -1.37 4.93 -4.75
C TYR A 37 -2.39 4.27 -5.66
N LEU A 38 -2.59 2.97 -5.43
CA LEU A 38 -3.54 2.16 -6.18
C LEU A 38 -4.86 2.13 -5.42
N GLY A 39 -5.91 2.69 -6.02
CA GLY A 39 -7.20 2.72 -5.37
C GLY A 39 -8.31 2.25 -6.30
N LYS A 40 -9.55 2.64 -6.01
CA LYS A 40 -10.67 2.24 -6.84
C LYS A 40 -11.77 3.29 -6.72
N SER A 41 -12.31 3.72 -7.85
CA SER A 41 -13.47 4.59 -7.84
C SER A 41 -14.73 3.79 -7.51
N PRO A 42 -15.70 4.37 -6.78
CA PRO A 42 -16.86 3.57 -6.36
C PRO A 42 -17.71 3.05 -7.51
N ASN A 43 -17.63 3.66 -8.69
CA ASN A 43 -18.40 3.21 -9.85
C ASN A 43 -17.52 2.53 -10.89
N SER A 44 -16.41 1.96 -10.45
CA SER A 44 -15.65 1.05 -11.29
C SER A 44 -16.30 -0.32 -11.27
N ASP A 45 -16.31 -0.98 -12.43
N ASP A 45 -16.31 -0.98 -12.43
CA ASP A 45 -16.82 -2.34 -12.55
CA ASP A 45 -16.82 -2.35 -12.54
C ASP A 45 -15.74 -3.40 -12.42
C ASP A 45 -15.70 -3.38 -12.62
N ALA A 46 -14.47 -3.00 -12.30
CA ALA A 46 -13.36 -3.91 -12.28
C ALA A 46 -13.39 -4.79 -11.03
N PRO A 47 -12.76 -5.95 -11.09
CA PRO A 47 -12.85 -6.90 -9.95
C PRO A 47 -11.76 -6.58 -8.93
N CYS A 48 -10.76 -5.78 -9.33
CA CYS A 48 -9.64 -5.41 -8.48
C CYS A 48 -9.56 -3.89 -8.46
N PRO A 49 -8.86 -3.29 -7.46
CA PRO A 49 -8.55 -1.85 -7.56
C PRO A 49 -7.87 -1.53 -8.88
N ASP A 50 -8.40 -0.51 -9.58
CA ASP A 50 -7.99 -0.25 -10.96
C ASP A 50 -7.72 1.24 -11.21
N GLY A 51 -7.56 2.03 -10.16
CA GLY A 51 -7.41 3.48 -10.30
C GLY A 51 -6.10 3.99 -9.76
N VAL A 52 -5.49 4.92 -10.49
CA VAL A 52 -4.26 5.58 -10.03
C VAL A 52 -4.67 6.92 -9.41
N PHE A 53 -4.49 7.04 -8.11
CA PHE A 53 -4.82 8.21 -7.34
C PHE A 53 -3.56 8.76 -6.69
N ARG A 54 -3.68 9.90 -6.04
CA ARG A 54 -2.71 10.26 -5.02
C ARG A 54 -3.47 10.74 -3.79
N TYR A 55 -2.85 10.56 -2.62
CA TYR A 55 -3.56 10.86 -1.39
C TYR A 55 -3.88 12.36 -1.29
N ASN A 56 -4.93 12.67 -0.52
CA ASN A 56 -5.38 14.05 -0.36
C ASN A 56 -4.50 14.86 0.57
N SER A 57 -3.63 14.21 1.35
CA SER A 57 -2.65 14.92 2.15
C SER A 57 -1.55 13.92 2.49
N ASP A 58 -0.48 14.43 3.08
N ASP A 58 -0.48 14.44 3.08
N ASP A 58 -0.46 14.43 3.05
CA ASP A 58 0.58 13.55 3.56
CA ASP A 58 0.61 13.62 3.59
CA ASP A 58 0.58 13.55 3.57
C ASP A 58 0.31 13.00 4.94
C ASP A 58 0.30 13.00 4.94
C ASP A 58 0.06 12.75 4.75
N VAL A 59 -0.83 13.34 5.55
CA VAL A 59 -1.20 12.80 6.85
C VAL A 59 -2.06 11.58 6.56
N GLY A 60 -1.39 10.46 6.35
CA GLY A 60 -2.02 9.23 6.01
C GLY A 60 -0.98 8.25 5.53
N PRO A 61 -1.40 7.26 4.74
CA PRO A 61 -0.47 6.28 4.20
C PRO A 61 0.58 6.90 3.28
N SER A 62 1.70 6.19 3.17
CA SER A 62 2.68 6.45 2.12
C SER A 62 2.23 5.73 0.85
N GLY A 63 2.86 6.08 -0.27
CA GLY A 63 2.35 5.61 -1.56
C GLY A 63 2.65 4.15 -1.85
N THR A 64 1.98 3.67 -2.88
CA THR A 64 2.21 2.33 -3.40
C THR A 64 3.49 2.30 -4.24
N PRO A 65 4.43 1.42 -3.96
CA PRO A 65 5.67 1.40 -4.74
C PRO A 65 5.43 0.96 -6.18
N VAL A 66 6.26 1.48 -7.09
CA VAL A 66 6.23 1.14 -8.51
C VAL A 66 7.60 0.69 -8.96
N ARG A 67 7.62 -0.02 -10.09
CA ARG A 67 8.84 -0.21 -10.86
C ARG A 67 8.62 0.35 -12.27
N PHE A 68 9.73 0.66 -12.93
CA PHE A 68 9.73 1.23 -14.27
C PHE A 68 10.36 0.24 -15.23
N ILE A 69 9.66 -0.07 -16.31
CA ILE A 69 10.10 -1.06 -17.27
C ILE A 69 10.36 -0.35 -18.60
N PRO A 70 11.61 -0.05 -18.93
CA PRO A 70 11.91 0.61 -20.20
C PRO A 70 11.45 -0.22 -21.40
N LEU A 71 10.95 0.47 -22.42
CA LEU A 71 10.58 -0.21 -23.66
C LEU A 71 11.74 -1.00 -24.23
N SER A 72 12.96 -0.49 -24.07
CA SER A 72 14.16 -1.22 -24.47
C SER A 72 15.30 -0.87 -23.52
N GLY A 73 16.18 -1.83 -23.28
CA GLY A 73 17.35 -1.61 -22.46
C GLY A 73 17.08 -1.72 -20.97
N ALA A 74 18.14 -1.44 -20.19
CA ALA A 74 18.11 -1.59 -18.74
C ALA A 74 18.35 -0.28 -18.00
N ASN A 75 18.41 0.84 -18.71
CA ASN A 75 18.58 2.14 -18.10
C ASN A 75 17.26 2.88 -18.11
N ILE A 76 17.15 3.87 -17.22
CA ILE A 76 15.97 4.73 -17.14
C ILE A 76 16.43 6.16 -17.31
N PHE A 77 16.18 6.73 -18.50
CA PHE A 77 16.61 8.07 -18.83
C PHE A 77 15.41 8.99 -18.91
N GLU A 78 15.66 10.30 -18.77
CA GLU A 78 14.65 11.28 -19.11
C GLU A 78 14.24 11.09 -20.57
N ASP A 79 12.95 11.28 -20.85
CA ASP A 79 12.40 11.31 -22.21
C ASP A 79 12.44 9.93 -22.88
N GLN A 80 12.40 8.87 -22.08
CA GLN A 80 12.48 7.50 -22.56
C GLN A 80 11.17 6.76 -22.29
N LEU A 81 10.63 6.12 -23.33
CA LEU A 81 9.39 5.36 -23.16
C LEU A 81 9.58 4.21 -22.20
N LEU A 82 8.59 4.02 -21.32
CA LEU A 82 8.61 2.91 -20.37
C LEU A 82 7.20 2.58 -19.93
N ASN A 83 7.03 1.39 -19.36
CA ASN A 83 5.80 1.05 -18.65
C ASN A 83 6.00 1.27 -17.16
N ILE A 84 4.89 1.50 -16.46
CA ILE A 84 4.88 1.74 -15.02
C ILE A 84 3.98 0.69 -14.39
N GLN A 85 4.47 0.05 -13.32
CA GLN A 85 3.72 -1.03 -12.68
C GLN A 85 3.86 -0.91 -11.18
N PHE A 86 2.74 -0.95 -10.46
CA PHE A 86 2.82 -1.04 -9.01
C PHE A 86 3.54 -2.34 -8.64
N ASN A 87 4.61 -2.22 -7.84
CA ASN A 87 5.48 -3.36 -7.55
C ASN A 87 5.07 -3.93 -6.19
N ILE A 88 3.98 -4.70 -6.20
CA ILE A 88 3.34 -5.15 -4.95
C ILE A 88 2.91 -6.59 -5.11
N PRO A 89 2.85 -7.33 -4.01
CA PRO A 89 2.27 -8.67 -4.06
C PRO A 89 0.77 -8.56 -4.22
N THR A 90 0.20 -9.50 -4.98
N THR A 90 0.17 -9.52 -4.92
CA THR A 90 -1.23 -9.50 -5.33
CA THR A 90 -1.26 -9.48 -5.13
C THR A 90 -1.78 -10.90 -5.25
C THR A 90 -1.77 -10.89 -5.36
N VAL A 91 -3.09 -11.01 -5.49
CA VAL A 91 -3.69 -12.30 -5.84
C VAL A 91 -3.55 -12.51 -7.34
N LYS A 92 -3.63 -13.77 -7.77
CA LYS A 92 -3.34 -14.09 -9.16
C LYS A 92 -4.24 -13.32 -10.13
N LEU A 93 -5.52 -13.15 -9.79
CA LEU A 93 -6.42 -12.54 -10.75
C LEU A 93 -6.26 -11.03 -10.84
N CYS A 94 -5.47 -10.42 -9.97
CA CYS A 94 -5.28 -8.98 -9.97
C CYS A 94 -3.89 -8.54 -10.45
N VAL A 95 -3.12 -9.46 -11.04
CA VAL A 95 -1.77 -9.09 -11.49
C VAL A 95 -1.82 -7.97 -12.53
N SER A 96 -2.72 -8.08 -13.52
CA SER A 96 -2.75 -7.03 -14.54
C SER A 96 -3.17 -5.69 -13.97
N TYR A 97 -3.85 -5.67 -12.82
CA TYR A 97 -4.29 -4.43 -12.20
C TYR A 97 -3.21 -3.79 -11.35
N THR A 98 -1.96 -4.24 -11.50
CA THR A 98 -0.80 -3.46 -11.08
C THR A 98 -0.21 -2.61 -12.21
N ILE A 99 -0.54 -2.92 -13.46
CA ILE A 99 0.12 -2.31 -14.62
C ILE A 99 -0.65 -1.08 -15.08
N TRP A 100 0.02 0.06 -15.11
CA TRP A 100 -0.64 1.32 -15.44
C TRP A 100 -1.10 1.36 -16.88
N LYS A 101 -2.26 1.98 -17.10
CA LYS A 101 -2.75 2.25 -18.44
C LYS A 101 -3.57 3.53 -18.39
N VAL A 102 -4.01 3.99 -19.56
CA VAL A 102 -4.84 5.17 -19.65
C VAL A 102 -6.22 4.72 -20.13
N GLY A 103 -7.26 5.15 -19.41
CA GLY A 103 -8.62 4.76 -19.73
C GLY A 103 -9.21 5.57 -20.88
N ASN A 104 -10.49 5.31 -21.15
CA ASN A 104 -11.16 6.06 -22.20
C ASN A 104 -11.53 7.44 -21.68
N ILE A 105 -12.00 8.28 -22.60
CA ILE A 105 -12.34 9.65 -22.23
C ILE A 105 -13.52 9.63 -21.27
N ASN A 106 -13.33 10.25 -20.11
CA ASN A 106 -14.42 10.41 -19.15
C ASN A 106 -15.23 11.64 -19.52
N ALA A 107 -16.53 11.46 -19.78
CA ALA A 107 -17.37 12.56 -20.21
C ALA A 107 -17.43 13.66 -19.15
N HIS A 108 -17.74 13.28 -17.91
CA HIS A 108 -17.91 14.26 -16.84
C HIS A 108 -16.64 15.10 -16.65
N LEU A 109 -15.50 14.45 -16.45
CA LEU A 109 -14.27 15.16 -16.19
C LEU A 109 -13.55 15.63 -17.46
N ARG A 110 -14.01 15.23 -18.64
N ARG A 110 -14.04 15.22 -18.63
CA ARG A 110 -13.50 15.73 -19.91
CA ARG A 110 -13.54 15.65 -19.93
C ARG A 110 -12.02 15.43 -20.10
C ARG A 110 -12.03 15.43 -20.06
N THR A 111 -11.60 14.22 -19.69
CA THR A 111 -10.22 13.79 -19.87
C THR A 111 -10.15 12.29 -19.67
N MET A 112 -8.96 11.72 -19.89
CA MET A 112 -8.71 10.30 -19.65
C MET A 112 -8.04 10.12 -18.30
N LEU A 113 -8.54 9.17 -17.53
CA LEU A 113 -8.01 8.88 -16.20
C LEU A 113 -6.94 7.79 -16.26
N LEU A 114 -5.96 7.88 -15.35
CA LEU A 114 -4.98 6.82 -15.24
C LEU A 114 -5.57 5.65 -14.46
N GLU A 115 -5.40 4.45 -15.00
CA GLU A 115 -6.02 3.23 -14.51
C GLU A 115 -4.94 2.17 -14.41
N THR A 116 -5.31 1.00 -13.92
CA THR A 116 -4.48 -0.18 -14.12
C THR A 116 -5.29 -1.22 -14.88
N GLY A 117 -4.66 -2.38 -15.11
CA GLY A 117 -5.22 -3.37 -15.99
C GLY A 117 -4.54 -3.47 -17.34
N GLY A 118 -3.40 -2.81 -17.52
CA GLY A 118 -2.71 -2.79 -18.80
C GLY A 118 -1.75 -3.95 -18.98
N THR A 119 -0.93 -3.84 -20.02
CA THR A 119 0.09 -4.82 -20.36
C THR A 119 1.46 -4.18 -20.32
N ILE A 120 2.49 -5.02 -20.36
CA ILE A 120 3.89 -4.58 -20.37
C ILE A 120 4.54 -5.01 -21.68
N GLY A 121 5.21 -4.07 -22.34
CA GLY A 121 6.11 -4.41 -23.43
C GLY A 121 5.45 -4.87 -24.70
N GLN A 122 4.17 -4.57 -24.88
CA GLN A 122 3.43 -5.01 -26.05
C GLN A 122 2.92 -3.80 -26.82
N ALA A 123 2.41 -4.06 -28.03
CA ALA A 123 1.93 -2.95 -28.84
C ALA A 123 0.69 -2.30 -28.22
N ASP A 124 -0.05 -3.01 -27.37
CA ASP A 124 -1.22 -2.43 -26.72
C ASP A 124 -0.91 -1.86 -25.35
N SER A 125 0.36 -1.76 -24.97
CA SER A 125 0.74 -1.31 -23.66
C SER A 125 0.73 0.23 -23.62
N SER A 126 0.50 0.78 -22.43
CA SER A 126 0.56 2.24 -22.24
C SER A 126 1.97 2.66 -21.85
N TYR A 127 2.61 3.47 -22.71
CA TYR A 127 3.96 3.93 -22.46
C TYR A 127 3.98 5.37 -21.93
N PHE A 128 4.81 5.59 -20.93
CA PHE A 128 4.99 6.89 -20.32
C PHE A 128 6.45 7.32 -20.46
N LYS A 129 6.69 8.60 -20.26
CA LYS A 129 8.03 9.16 -20.20
C LYS A 129 8.15 10.00 -18.94
N ILE A 130 9.36 10.04 -18.40
CA ILE A 130 9.70 10.91 -17.27
C ILE A 130 10.52 12.08 -17.82
N VAL A 131 10.04 13.31 -17.59
CA VAL A 131 10.74 14.49 -18.05
C VAL A 131 10.97 15.44 -16.89
N LYS A 132 12.03 16.24 -16.98
CA LYS A 132 12.32 17.23 -15.96
C LYS A 132 11.23 18.30 -15.93
N SER A 133 10.72 18.57 -14.74
CA SER A 133 9.74 19.63 -14.59
C SER A 133 10.40 21.00 -14.68
N SER A 134 9.60 22.00 -15.04
CA SER A 134 10.07 23.38 -15.04
C SER A 134 10.22 23.93 -13.62
N LYS A 135 9.60 23.29 -12.64
CA LYS A 135 9.84 23.56 -11.23
C LYS A 135 10.63 22.38 -10.66
N PHE A 136 10.30 21.94 -9.45
CA PHE A 136 11.04 20.83 -8.85
C PHE A 136 10.59 19.49 -9.41
N GLY A 137 11.52 18.54 -9.43
CA GLY A 137 11.17 17.17 -9.73
C GLY A 137 10.90 16.92 -11.21
N TYR A 138 10.02 15.96 -11.46
CA TYR A 138 9.76 15.45 -12.80
C TYR A 138 8.26 15.49 -13.07
N ASN A 139 7.91 15.43 -14.36
CA ASN A 139 6.55 15.14 -14.78
C ASN A 139 6.51 13.81 -15.50
N LEU A 140 5.36 13.15 -15.41
CA LEU A 140 5.06 12.00 -16.26
C LEU A 140 4.29 12.46 -17.49
N LEU A 141 4.65 11.90 -18.63
CA LEU A 141 3.93 12.13 -19.87
C LEU A 141 3.42 10.79 -20.37
N TYR A 142 2.21 10.79 -20.93
CA TYR A 142 1.67 9.61 -21.60
C TYR A 142 1.82 9.78 -23.11
N CYS A 143 2.44 8.81 -23.76
CA CYS A 143 2.73 8.90 -25.20
C CYS A 143 2.01 7.80 -25.95
N PRO A 144 0.82 8.08 -26.50
CA PRO A 144 0.14 7.04 -27.28
C PRO A 144 0.95 6.71 -28.53
N LEU A 145 1.08 5.41 -28.80
CA LEU A 145 1.84 4.91 -29.93
C LEU A 145 0.94 4.34 -31.01
N THR A 146 -0.35 4.70 -31.00
CA THR A 146 -1.33 4.10 -31.90
C THR A 146 -0.96 4.33 -33.37
N ARG A 147 -0.76 5.58 -33.76
N ARG A 147 -0.75 5.59 -33.76
CA ARG A 147 -0.37 5.89 -35.13
CA ARG A 147 -0.38 5.88 -35.14
C ARG A 147 0.97 5.23 -35.47
C ARG A 147 0.99 5.30 -35.48
N HIS A 148 1.88 5.17 -34.49
CA HIS A 148 3.18 4.57 -34.74
C HIS A 148 3.03 3.09 -35.09
N PHE A 149 2.30 2.33 -34.28
CA PHE A 149 2.20 0.90 -34.55
C PHE A 149 1.33 0.61 -35.78
N LEU A 150 0.36 1.48 -36.09
CA LEU A 150 -0.47 1.26 -37.26
C LEU A 150 0.32 1.49 -38.55
N CYS A 151 1.23 2.46 -38.55
CA CYS A 151 2.04 2.77 -39.73
C CYS A 151 3.40 3.20 -39.24
N PRO A 152 4.31 2.22 -39.00
CA PRO A 152 5.47 2.41 -38.10
C PRO A 152 6.20 3.72 -38.23
N PHE A 153 6.42 4.15 -39.46
CA PHE A 153 6.79 5.55 -39.66
C PHE A 153 6.25 5.99 -41.02
N CYS A 154 4.91 5.99 -41.15
CA CYS A 154 4.22 6.95 -42.00
C CYS A 154 4.85 8.32 -41.83
N ARG A 155 4.23 9.13 -40.98
CA ARG A 155 4.85 10.33 -40.46
C ARG A 155 4.78 10.29 -38.93
N ASP A 156 5.64 11.08 -38.30
CA ASP A 156 5.93 10.98 -36.87
C ASP A 156 5.30 12.17 -36.16
N ASP A 157 4.16 11.96 -35.50
CA ASP A 157 3.67 12.97 -34.56
C ASP A 157 4.00 12.48 -33.16
N ASN A 158 5.04 13.08 -32.58
CA ASN A 158 5.58 12.69 -31.28
C ASN A 158 4.69 13.18 -30.14
N PHE A 159 3.39 13.03 -30.27
CA PHE A 159 2.46 13.60 -29.30
C PHE A 159 2.51 12.85 -27.97
N CYS A 160 2.74 13.58 -26.89
CA CYS A 160 2.55 13.06 -25.54
C CYS A 160 1.70 14.04 -24.75
N ALA A 161 0.97 13.51 -23.77
CA ALA A 161 0.09 14.29 -22.90
C ALA A 161 0.62 14.32 -21.48
N LYS A 162 0.51 15.49 -20.83
CA LYS A 162 0.97 15.60 -19.47
C LYS A 162 0.05 14.88 -18.51
N VAL A 163 0.63 14.31 -17.45
CA VAL A 163 -0.13 13.67 -16.37
C VAL A 163 -0.28 14.66 -15.23
N GLY A 164 -1.53 14.89 -14.82
CA GLY A 164 -1.85 15.74 -13.71
C GLY A 164 -2.89 15.10 -12.82
N VAL A 165 -3.72 15.91 -12.16
CA VAL A 165 -4.72 15.42 -11.21
C VAL A 165 -6.03 16.11 -11.50
N VAL A 166 -7.13 15.34 -11.47
CA VAL A 166 -8.48 15.88 -11.43
C VAL A 166 -9.16 15.38 -10.17
N ILE A 167 -10.04 16.21 -9.62
CA ILE A 167 -10.76 15.83 -8.41
C ILE A 167 -11.96 14.99 -8.80
N GLN A 168 -12.02 13.77 -8.25
CA GLN A 168 -13.09 12.82 -8.57
C GLN A 168 -13.63 12.25 -7.27
N ASN A 169 -14.91 12.52 -6.98
CA ASN A 169 -15.52 12.12 -5.72
C ASN A 169 -14.67 12.55 -4.53
N GLY A 170 -14.17 13.79 -4.58
CA GLY A 170 -13.40 14.34 -3.49
C GLY A 170 -12.01 13.76 -3.33
N LYS A 171 -11.52 13.02 -4.32
CA LYS A 171 -10.19 12.42 -4.27
C LYS A 171 -9.36 12.90 -5.45
N ARG A 172 -8.04 12.88 -5.27
CA ARG A 172 -7.12 13.28 -6.34
C ARG A 172 -6.88 12.09 -7.26
N ARG A 173 -7.41 12.16 -8.48
CA ARG A 173 -7.29 11.08 -9.47
C ARG A 173 -6.28 11.51 -10.52
N LEU A 174 -5.24 10.71 -10.75
CA LEU A 174 -4.30 11.04 -11.80
C LEU A 174 -4.98 10.91 -13.16
N ALA A 175 -4.69 11.85 -14.04
CA ALA A 175 -5.39 11.98 -15.31
C ALA A 175 -4.56 12.83 -16.24
N LEU A 176 -4.94 12.81 -17.51
CA LEU A 176 -4.27 13.66 -18.49
C LEU A 176 -4.77 15.09 -18.34
N VAL A 177 -3.83 16.04 -18.42
CA VAL A 177 -4.14 17.45 -18.29
C VAL A 177 -3.44 18.21 -19.42
N ASN A 178 -3.94 19.40 -19.70
CA ASN A 178 -3.32 20.29 -20.68
C ASN A 178 -2.38 21.29 -20.05
N GLU A 179 -2.47 21.51 -18.74
N GLU A 179 -2.44 21.45 -18.74
CA GLU A 179 -1.63 22.47 -18.05
CA GLU A 179 -1.73 22.48 -18.01
C GLU A 179 -1.44 21.99 -16.62
C GLU A 179 -1.45 21.97 -16.61
N ASN A 180 -0.39 22.51 -15.99
CA ASN A 180 -0.07 22.21 -14.60
C ASN A 180 0.08 20.72 -14.34
N PRO A 181 1.09 20.08 -14.92
CA PRO A 181 1.31 18.67 -14.61
C PRO A 181 1.72 18.48 -13.16
N LEU A 182 1.51 17.27 -12.68
CA LEU A 182 1.92 16.88 -11.34
C LEU A 182 3.44 16.78 -11.27
N ASP A 183 4.05 17.56 -10.38
CA ASP A 183 5.49 17.44 -10.11
C ASP A 183 5.72 16.29 -9.15
N VAL A 184 6.60 15.36 -9.52
CA VAL A 184 6.82 14.16 -8.73
C VAL A 184 8.31 13.92 -8.50
N LEU A 185 8.59 13.24 -7.41
CA LEU A 185 9.90 12.72 -7.10
C LEU A 185 9.77 11.22 -6.90
N PHE A 186 10.91 10.54 -6.92
CA PHE A 186 10.97 9.08 -6.83
C PHE A 186 11.73 8.68 -5.58
N GLN A 187 11.02 8.08 -4.63
CA GLN A 187 11.60 7.74 -3.33
C GLN A 187 11.86 6.23 -3.29
N GLU A 188 13.13 5.84 -3.31
CA GLU A 188 13.48 4.42 -3.27
C GLU A 188 13.06 3.82 -1.93
N VAL A 189 12.44 2.65 -1.99
CA VAL A 189 12.09 1.86 -0.82
C VAL A 189 12.54 0.44 -1.07
N HIS A 190 12.93 -0.27 0.00
CA HIS A 190 13.21 -1.69 -0.13
C HIS A 190 12.93 -2.35 1.20
N HIS A 191 12.89 -3.68 1.16
CA HIS A 191 12.65 -4.45 2.37
C HIS A 191 13.89 -4.44 3.26
N HIS A 192 13.66 -4.33 4.56
CA HIS A 192 14.69 -4.55 5.56
C HIS A 192 14.27 -5.79 6.33
N HIS A 193 15.10 -6.84 6.25
N HIS A 193 15.11 -6.84 6.25
CA HIS A 193 14.77 -8.23 6.57
CA HIS A 193 14.79 -8.24 6.54
C HIS A 193 14.05 -8.87 5.39
C HIS A 193 14.04 -8.86 5.37
N HIS A 194 12.73 -9.02 5.50
CA HIS A 194 11.93 -9.65 4.46
C HIS A 194 11.96 -8.99 3.10
N LEU B 4 -2.86 -31.27 20.39
CA LEU B 4 -1.99 -30.87 19.29
C LEU B 4 -2.30 -29.46 18.81
N PRO B 5 -1.27 -28.67 18.54
CA PRO B 5 -1.48 -27.33 18.00
C PRO B 5 -2.20 -27.36 16.67
N LYS B 6 -3.05 -26.36 16.44
CA LYS B 6 -3.83 -26.29 15.21
C LYS B 6 -3.30 -25.20 14.31
N PRO B 7 -2.90 -25.50 13.08
CA PRO B 7 -2.42 -24.45 12.17
C PRO B 7 -3.53 -23.47 11.85
N VAL B 8 -3.13 -22.21 11.67
CA VAL B 8 -4.02 -21.19 11.12
C VAL B 8 -4.03 -21.33 9.60
N LEU B 9 -5.20 -21.17 8.98
CA LEU B 9 -5.35 -21.36 7.55
C LEU B 9 -5.63 -20.04 6.85
N ASP B 10 -5.14 -19.91 5.60
CA ASP B 10 -5.49 -18.77 4.78
C ASP B 10 -6.77 -19.08 4.00
N THR B 11 -7.16 -18.14 3.13
CA THR B 11 -8.44 -18.30 2.44
C THR B 11 -8.40 -19.39 1.38
N ASN B 12 -7.22 -19.90 1.06
CA ASN B 12 -7.06 -21.04 0.16
C ASN B 12 -6.94 -22.35 0.91
N GLY B 13 -7.07 -22.32 2.24
CA GLY B 13 -6.94 -23.51 3.05
C GLY B 13 -5.52 -23.95 3.33
N LYS B 14 -4.52 -23.13 3.01
CA LYS B 14 -3.13 -23.50 3.26
C LYS B 14 -2.69 -22.93 4.59
N LYS B 15 -1.86 -23.71 5.30
CA LYS B 15 -1.38 -23.26 6.59
C LYS B 15 -0.61 -21.94 6.44
N LEU B 16 -0.82 -21.03 7.40
CA LEU B 16 -0.03 -19.80 7.40
C LEU B 16 1.44 -20.14 7.56
N ASN B 17 2.27 -19.39 6.84
CA ASN B 17 3.70 -19.62 6.71
C ASN B 17 4.40 -18.31 7.08
N PRO B 18 5.36 -18.31 8.01
CA PRO B 18 6.08 -17.05 8.31
C PRO B 18 6.83 -16.49 7.11
N ASN B 19 7.10 -17.29 6.08
CA ASN B 19 7.79 -16.86 4.88
C ASN B 19 6.87 -16.25 3.84
N SER B 20 5.59 -16.20 4.11
CA SER B 20 4.56 -15.70 3.20
C SER B 20 4.06 -14.36 3.68
N SER B 21 3.33 -13.69 2.78
CA SER B 21 2.64 -12.44 3.09
C SER B 21 1.14 -12.60 2.93
N TYR B 22 0.39 -11.91 3.79
CA TYR B 22 -1.06 -12.00 3.81
C TYR B 22 -1.69 -10.64 3.99
N ARG B 23 -2.80 -10.40 3.29
CA ARG B 23 -3.69 -9.33 3.70
C ARG B 23 -4.62 -9.86 4.77
N ILE B 24 -4.95 -9.00 5.72
CA ILE B 24 -5.93 -9.30 6.76
C ILE B 24 -7.25 -8.68 6.30
N ILE B 25 -8.20 -9.53 5.93
CA ILE B 25 -9.42 -9.08 5.25
C ILE B 25 -10.61 -9.34 6.17
N SER B 26 -11.70 -8.62 5.89
CA SER B 26 -12.95 -8.83 6.61
C SER B 26 -13.67 -10.08 6.09
N THR B 27 -14.55 -10.62 6.94
CA THR B 27 -15.49 -11.64 6.53
C THR B 27 -16.77 -11.07 5.94
N PHE B 28 -16.90 -9.74 5.91
CA PHE B 28 -18.06 -9.07 5.35
C PHE B 28 -17.79 -8.63 3.92
N TRP B 29 -18.86 -8.43 3.17
CA TRP B 29 -18.84 -8.04 1.76
C TRP B 29 -19.52 -6.69 1.63
N GLY B 30 -18.82 -5.72 1.05
CA GLY B 30 -19.42 -4.45 0.71
C GLY B 30 -19.14 -3.38 1.77
N ALA B 31 -20.20 -2.74 2.27
CA ALA B 31 -20.03 -1.58 3.14
C ALA B 31 -19.33 -1.97 4.44
N LEU B 32 -19.61 -3.17 4.95
CA LEU B 32 -18.91 -3.64 6.14
C LEU B 32 -17.56 -4.27 5.82
N GLY B 33 -17.23 -4.50 4.56
CA GLY B 33 -15.90 -4.96 4.22
C GLY B 33 -14.86 -3.86 4.37
N GLY B 34 -13.61 -4.25 4.14
CA GLY B 34 -12.48 -3.34 4.25
C GLY B 34 -11.29 -3.99 4.90
N ASP B 35 -10.17 -4.06 4.16
CA ASP B 35 -8.97 -4.73 4.63
C ASP B 35 -8.20 -3.85 5.61
N VAL B 36 -7.38 -4.52 6.44
CA VAL B 36 -6.46 -3.83 7.34
C VAL B 36 -5.36 -3.14 6.53
N TYR B 37 -5.02 -1.90 6.92
CA TYR B 37 -3.96 -1.18 6.23
C TYR B 37 -3.19 -0.30 7.21
N LEU B 38 -2.03 0.17 6.72
CA LEU B 38 -1.11 1.03 7.47
C LEU B 38 -1.46 2.48 7.16
N GLY B 39 -1.96 3.21 8.15
CA GLY B 39 -2.35 4.59 7.96
C GLY B 39 -1.74 5.52 8.99
N LYS B 40 -2.33 6.71 9.14
CA LYS B 40 -1.86 7.66 10.14
C LYS B 40 -3.04 8.49 10.61
N SER B 41 -3.11 8.73 11.84
N SER B 41 -3.12 8.72 11.87
CA SER B 41 -4.07 9.70 12.31
CA SER B 41 -4.10 9.71 12.27
C SER B 41 -3.44 11.08 12.35
C SER B 41 -3.44 11.08 12.35
N PRO B 42 -4.22 12.15 12.17
CA PRO B 42 -3.70 13.49 12.50
C PRO B 42 -3.41 13.51 13.99
N ASN B 43 -2.68 14.53 14.40
CA ASN B 43 -2.26 14.66 15.79
C ASN B 43 -1.17 13.63 16.09
N SER B 44 -0.88 12.71 15.16
CA SER B 44 0.27 11.84 15.32
C SER B 44 1.54 12.62 15.03
N ASP B 45 2.44 12.64 16.01
N ASP B 45 2.45 12.66 16.00
CA ASP B 45 3.76 13.25 15.85
CA ASP B 45 3.75 13.28 15.78
C ASP B 45 4.77 12.29 15.23
C ASP B 45 4.77 12.29 15.24
N ALA B 46 4.34 11.09 14.85
CA ALA B 46 5.26 10.08 14.36
C ALA B 46 5.89 10.50 13.04
N PRO B 47 7.13 10.09 12.79
CA PRO B 47 7.80 10.46 11.54
C PRO B 47 7.35 9.66 10.33
N CYS B 48 6.58 8.60 10.57
CA CYS B 48 6.16 7.62 9.58
C CYS B 48 4.70 7.30 9.85
N PRO B 49 3.99 6.74 8.88
CA PRO B 49 2.66 6.19 9.18
C PRO B 49 2.75 5.19 10.32
N ASP B 50 1.87 5.34 11.31
CA ASP B 50 2.06 4.62 12.57
C ASP B 50 0.77 4.07 13.13
N GLY B 51 -0.28 3.99 12.32
CA GLY B 51 -1.59 3.55 12.80
C GLY B 51 -2.07 2.35 12.02
N VAL B 52 -2.73 1.42 12.72
CA VAL B 52 -3.33 0.25 12.09
C VAL B 52 -4.82 0.50 11.96
N PHE B 53 -5.30 0.55 10.72
CA PHE B 53 -6.68 0.88 10.39
C PHE B 53 -7.28 -0.26 9.57
N ARG B 54 -8.57 -0.16 9.27
CA ARG B 54 -9.09 -0.91 8.14
C ARG B 54 -9.99 -0.02 7.31
N TYR B 55 -10.10 -0.34 6.02
CA TYR B 55 -10.82 0.54 5.11
C TYR B 55 -12.30 0.60 5.46
N ASN B 56 -12.93 1.72 5.14
CA ASN B 56 -14.34 1.94 5.48
C ASN B 56 -15.31 1.16 4.59
N SER B 57 -14.82 0.50 3.56
CA SER B 57 -15.62 -0.37 2.71
C SER B 57 -14.64 -1.23 1.93
N ASP B 58 -15.15 -2.22 1.20
CA ASP B 58 -14.24 -3.00 0.37
C ASP B 58 -14.24 -2.53 -1.07
N VAL B 59 -14.84 -1.37 -1.34
CA VAL B 59 -14.65 -0.65 -2.60
C VAL B 59 -13.61 0.43 -2.31
N GLY B 60 -12.43 0.26 -2.88
CA GLY B 60 -11.30 1.10 -2.55
C GLY B 60 -10.05 0.25 -2.59
N PRO B 61 -9.01 0.66 -1.89
CA PRO B 61 -7.75 -0.08 -1.98
C PRO B 61 -7.83 -1.43 -1.27
N SER B 62 -6.91 -2.32 -1.66
CA SER B 62 -6.61 -3.56 -0.95
C SER B 62 -5.70 -3.29 0.24
N GLY B 63 -5.70 -4.24 1.18
CA GLY B 63 -4.99 -4.05 2.43
C GLY B 63 -3.47 -4.18 2.30
N THR B 64 -2.80 -3.70 3.34
CA THR B 64 -1.34 -3.76 3.43
C THR B 64 -0.92 -5.17 3.86
N PRO B 65 -0.06 -5.84 3.10
CA PRO B 65 0.32 -7.21 3.48
C PRO B 65 1.09 -7.24 4.80
N VAL B 66 0.91 -8.33 5.56
CA VAL B 66 1.61 -8.56 6.81
C VAL B 66 2.32 -9.91 6.75
N ARG B 67 3.30 -10.07 7.62
CA ARG B 67 3.86 -11.38 7.94
C ARG B 67 3.72 -11.60 9.43
N PHE B 68 3.73 -12.87 9.83
CA PHE B 68 3.54 -13.27 11.21
C PHE B 68 4.81 -13.93 11.71
N ILE B 69 5.29 -13.52 12.88
CA ILE B 69 6.56 -13.98 13.41
C ILE B 69 6.33 -14.67 14.75
N PRO B 70 6.32 -16.01 14.77
CA PRO B 70 6.12 -16.73 16.03
C PRO B 70 7.21 -16.42 17.04
N LEU B 71 6.83 -16.23 18.30
CA LEU B 71 7.83 -16.07 19.34
C LEU B 71 8.71 -17.29 19.44
N SER B 72 8.15 -18.48 19.23
CA SER B 72 8.90 -19.73 19.36
C SER B 72 8.54 -20.65 18.22
N GLY B 73 9.56 -21.22 17.57
CA GLY B 73 9.31 -22.22 16.55
C GLY B 73 9.07 -21.63 15.18
N ALA B 74 8.87 -22.54 14.23
CA ALA B 74 8.81 -22.22 12.82
C ALA B 74 7.40 -22.24 12.25
N ASN B 75 6.40 -22.60 13.04
CA ASN B 75 5.03 -22.72 12.56
C ASN B 75 4.14 -21.69 13.23
N ILE B 76 3.04 -21.38 12.54
CA ILE B 76 2.03 -20.46 13.04
C ILE B 76 0.82 -21.28 13.47
N PHE B 77 0.55 -21.30 14.76
CA PHE B 77 -0.53 -22.09 15.31
C PHE B 77 -1.55 -21.17 15.98
N GLU B 78 -2.78 -21.65 16.08
CA GLU B 78 -3.77 -20.96 16.89
C GLU B 78 -3.26 -20.84 18.31
N ASP B 79 -3.58 -19.71 18.95
CA ASP B 79 -3.40 -19.55 20.40
C ASP B 79 -1.93 -19.52 20.81
N GLN B 80 -1.04 -19.08 19.93
CA GLN B 80 0.39 -19.03 20.24
C GLN B 80 0.93 -17.64 19.95
N LEU B 81 1.78 -17.14 20.85
CA LEU B 81 2.27 -15.77 20.74
C LEU B 81 3.10 -15.55 19.49
N LEU B 82 2.88 -14.40 18.86
CA LEU B 82 3.61 -14.01 17.65
C LEU B 82 3.62 -12.49 17.56
N ASN B 83 4.54 -11.97 16.74
CA ASN B 83 4.43 -10.56 16.39
C ASN B 83 3.88 -10.45 14.98
N ILE B 84 3.34 -9.26 14.68
CA ILE B 84 2.77 -8.95 13.38
C ILE B 84 3.51 -7.74 12.81
N GLN B 85 3.83 -7.80 11.52
CA GLN B 85 4.61 -6.76 10.87
C GLN B 85 4.09 -6.56 9.45
N PHE B 86 3.84 -5.31 9.09
CA PHE B 86 3.54 -5.06 7.68
C PHE B 86 4.76 -5.40 6.83
N ASN B 87 4.55 -6.22 5.80
CA ASN B 87 5.65 -6.78 5.02
C ASN B 87 5.78 -5.97 3.73
N ILE B 88 6.35 -4.76 3.89
CA ILE B 88 6.38 -3.79 2.80
C ILE B 88 7.76 -3.16 2.73
N PRO B 89 8.16 -2.71 1.55
CA PRO B 89 9.39 -1.93 1.45
C PRO B 89 9.19 -0.55 2.05
N THR B 90 10.25 -0.02 2.66
CA THR B 90 10.20 1.29 3.32
C THR B 90 11.52 2.00 3.13
N VAL B 91 11.58 3.25 3.60
CA VAL B 91 12.85 3.89 3.85
C VAL B 91 13.39 3.44 5.21
N LYS B 92 14.70 3.62 5.43
CA LYS B 92 15.32 3.07 6.64
C LYS B 92 14.69 3.64 7.90
N LEU B 93 14.32 4.93 7.86
CA LEU B 93 13.72 5.60 9.01
C LEU B 93 12.44 4.93 9.49
N CYS B 94 11.72 4.24 8.61
CA CYS B 94 10.38 3.79 8.93
C CYS B 94 10.29 2.28 9.15
N VAL B 95 11.42 1.57 9.26
CA VAL B 95 11.39 0.12 9.41
C VAL B 95 10.63 -0.28 10.67
N SER B 96 10.93 0.36 11.81
CA SER B 96 10.21 0.02 13.03
C SER B 96 8.73 0.31 12.90
N TYR B 97 8.36 1.26 12.04
CA TYR B 97 6.97 1.62 11.86
C TYR B 97 6.26 0.69 10.87
N THR B 98 6.84 -0.48 10.60
CA THR B 98 6.07 -1.58 10.05
C THR B 98 5.63 -2.57 11.11
N ILE B 99 6.20 -2.49 12.30
CA ILE B 99 6.03 -3.53 13.30
C ILE B 99 4.87 -3.15 14.20
N TRP B 100 3.87 -4.02 14.29
CA TRP B 100 2.68 -3.71 15.08
C TRP B 100 3.01 -3.64 16.56
N LYS B 101 2.38 -2.68 17.23
CA LYS B 101 2.44 -2.58 18.68
C LYS B 101 1.11 -2.05 19.17
N VAL B 102 0.87 -2.19 20.45
CA VAL B 102 -0.32 -1.63 21.07
C VAL B 102 0.10 -0.39 21.84
N GLY B 103 -0.61 0.72 21.64
CA GLY B 103 -0.27 1.97 22.28
C GLY B 103 -0.77 2.06 23.70
N ASN B 104 -0.56 3.24 24.29
CA ASN B 104 -1.05 3.53 25.63
C ASN B 104 -2.56 3.79 25.59
N ILE B 105 -3.17 3.90 26.77
CA ILE B 105 -4.59 4.22 26.81
C ILE B 105 -4.82 5.57 26.11
N ASN B 106 -5.77 5.57 25.18
CA ASN B 106 -6.20 6.80 24.52
C ASN B 106 -7.30 7.42 25.37
N ALA B 107 -7.09 8.67 25.78
CA ALA B 107 -8.04 9.29 26.71
C ALA B 107 -9.41 9.47 26.08
N HIS B 108 -9.45 9.86 24.80
N HIS B 108 -9.45 9.86 24.80
CA HIS B 108 -10.72 10.14 24.14
CA HIS B 108 -10.73 10.14 24.15
C HIS B 108 -11.56 8.88 23.94
C HIS B 108 -11.57 8.87 23.96
N LEU B 109 -10.93 7.72 23.77
CA LEU B 109 -11.62 6.48 23.47
C LEU B 109 -11.61 5.47 24.59
N ARG B 110 -10.77 5.68 25.63
CA ARG B 110 -10.64 4.77 26.77
C ARG B 110 -10.36 3.34 26.35
N THR B 111 -9.48 3.18 25.36
CA THR B 111 -8.90 1.89 25.04
C THR B 111 -7.54 2.15 24.41
N MET B 112 -6.81 1.07 24.15
CA MET B 112 -5.51 1.16 23.49
C MET B 112 -5.69 0.89 22.00
N LEU B 113 -5.04 1.71 21.17
CA LEU B 113 -5.16 1.56 19.72
C LEU B 113 -3.98 0.77 19.18
N LEU B 114 -4.19 0.06 18.08
CA LEU B 114 -3.09 -0.64 17.43
C LEU B 114 -2.29 0.37 16.61
N GLU B 115 -0.96 0.33 16.78
CA GLU B 115 -0.02 1.26 16.18
C GLU B 115 1.09 0.47 15.51
N THR B 116 2.02 1.19 14.89
CA THR B 116 3.31 0.59 14.56
C THR B 116 4.41 1.36 15.27
N GLY B 117 5.65 0.88 15.09
CA GLY B 117 6.78 1.39 15.84
C GLY B 117 7.32 0.45 16.89
N GLY B 118 6.91 -0.81 16.88
CA GLY B 118 7.30 -1.76 17.91
C GLY B 118 8.55 -2.54 17.55
N THR B 119 8.83 -3.55 18.38
CA THR B 119 9.97 -4.44 18.23
C THR B 119 9.46 -5.86 18.01
N ILE B 120 10.38 -6.75 17.63
CA ILE B 120 10.08 -8.16 17.34
C ILE B 120 10.90 -9.04 18.28
N GLY B 121 10.23 -9.98 18.93
CA GLY B 121 10.95 -11.03 19.64
C GLY B 121 11.56 -10.64 20.95
N GLN B 122 11.23 -9.46 21.49
CA GLN B 122 11.84 -8.95 22.70
C GLN B 122 10.81 -8.82 23.82
N ALA B 123 11.31 -8.48 25.02
CA ALA B 123 10.42 -8.32 26.16
C ALA B 123 9.54 -7.08 26.05
N ASP B 124 9.90 -6.12 25.21
CA ASP B 124 9.08 -4.94 24.98
C ASP B 124 8.26 -5.03 23.68
N SER B 125 8.19 -6.20 23.07
CA SER B 125 7.39 -6.37 21.86
C SER B 125 5.93 -6.60 22.22
N SER B 126 5.05 -6.25 21.28
CA SER B 126 3.63 -6.54 21.43
C SER B 126 3.31 -7.89 20.81
N TYR B 127 2.90 -8.84 21.64
CA TYR B 127 2.55 -10.19 21.19
C TYR B 127 1.04 -10.32 21.00
N PHE B 128 0.69 -10.95 19.88
CA PHE B 128 -0.68 -11.25 19.51
C PHE B 128 -0.83 -12.77 19.38
N LYS B 129 -2.07 -13.23 19.48
CA LYS B 129 -2.40 -14.62 19.17
C LYS B 129 -3.50 -14.59 18.11
N ILE B 130 -3.51 -15.60 17.25
CA ILE B 130 -4.63 -15.82 16.33
C ILE B 130 -5.50 -16.92 16.91
N VAL B 131 -6.79 -16.65 17.09
CA VAL B 131 -7.70 -17.68 17.62
C VAL B 131 -8.92 -17.79 16.72
N LYS B 132 -9.54 -18.96 16.76
CA LYS B 132 -10.75 -19.19 15.97
C LYS B 132 -11.89 -18.33 16.50
N SER B 133 -12.58 -17.64 15.62
CA SER B 133 -13.74 -16.85 16.00
C SER B 133 -14.95 -17.72 16.30
N SER B 134 -15.87 -17.17 17.08
CA SER B 134 -17.15 -17.86 17.29
C SER B 134 -18.02 -17.79 16.05
N LYS B 135 -17.71 -16.87 15.12
CA LYS B 135 -18.28 -16.74 13.79
C LYS B 135 -17.23 -17.19 12.77
N PHE B 136 -17.51 -17.01 11.49
CA PHE B 136 -16.54 -17.40 10.48
C PHE B 136 -15.24 -16.63 10.67
N GLY B 137 -14.12 -17.30 10.48
CA GLY B 137 -12.84 -16.65 10.44
C GLY B 137 -12.14 -16.72 11.78
N TYR B 138 -11.23 -15.77 11.98
CA TYR B 138 -10.35 -15.73 13.14
C TYR B 138 -10.49 -14.40 13.85
N ASN B 139 -10.02 -14.35 15.09
CA ASN B 139 -9.82 -13.09 15.81
C ASN B 139 -8.36 -12.95 16.17
N LEU B 140 -7.90 -11.71 16.30
CA LEU B 140 -6.59 -11.41 16.86
C LEU B 140 -6.77 -11.01 18.31
N LEU B 141 -5.91 -11.55 19.19
CA LEU B 141 -5.88 -11.19 20.59
C LEU B 141 -4.56 -10.50 20.88
N TYR B 142 -4.58 -9.48 21.71
CA TYR B 142 -3.35 -8.89 22.23
C TYR B 142 -3.07 -9.46 23.62
N CYS B 143 -1.86 -9.98 23.81
CA CYS B 143 -1.50 -10.68 25.05
C CYS B 143 -0.40 -9.90 25.76
N PRO B 144 -0.75 -8.91 26.60
CA PRO B 144 0.28 -8.13 27.28
C PRO B 144 1.09 -9.03 28.20
N LEU B 145 2.39 -8.75 28.27
CA LEU B 145 3.27 -9.43 29.21
C LEU B 145 3.38 -8.71 30.54
N THR B 146 2.63 -7.60 30.70
CA THR B 146 2.76 -6.72 31.86
C THR B 146 2.59 -7.47 33.18
N ARG B 147 1.44 -8.11 33.37
CA ARG B 147 1.19 -8.78 34.63
C ARG B 147 2.18 -9.89 34.89
N HIS B 148 2.58 -10.61 33.83
CA HIS B 148 3.55 -11.68 33.99
C HIS B 148 4.87 -11.16 34.54
N PHE B 149 5.33 -10.01 34.03
CA PHE B 149 6.58 -9.43 34.50
C PHE B 149 6.41 -8.78 35.88
N LEU B 150 5.28 -8.11 36.12
CA LEU B 150 5.11 -7.35 37.36
C LEU B 150 4.75 -8.25 38.54
N CYS B 151 3.96 -9.28 38.29
CA CYS B 151 3.40 -10.09 39.37
C CYS B 151 3.17 -11.49 38.82
N PRO B 152 4.24 -12.28 38.67
CA PRO B 152 4.09 -13.58 38.00
C PRO B 152 3.15 -14.53 38.70
N PHE B 153 2.90 -14.36 40.00
CA PHE B 153 1.99 -15.26 40.71
C PHE B 153 0.67 -14.59 41.07
N CYS B 154 0.39 -13.44 40.46
CA CYS B 154 -0.96 -12.93 40.46
C CYS B 154 -1.86 -13.80 39.60
N ARG B 155 -3.17 -13.61 39.79
CA ARG B 155 -4.20 -14.29 39.01
C ARG B 155 -4.29 -13.83 37.57
N ASP B 156 -4.58 -14.77 36.67
N ASP B 156 -4.54 -14.79 36.68
CA ASP B 156 -4.99 -14.47 35.30
CA ASP B 156 -4.98 -14.52 35.30
C ASP B 156 -3.98 -13.57 34.59
C ASP B 156 -3.99 -13.63 34.56
N ASP B 157 -2.70 -13.91 34.75
CA ASP B 157 -1.68 -13.15 34.05
C ASP B 157 -1.69 -13.44 32.56
N ASN B 158 -2.37 -14.49 32.12
CA ASN B 158 -2.41 -14.81 30.70
C ASN B 158 -3.62 -14.19 30.00
N PHE B 159 -4.28 -13.22 30.64
CA PHE B 159 -5.38 -12.51 29.99
C PHE B 159 -4.90 -11.91 28.67
N CYS B 160 -5.71 -12.11 27.62
CA CYS B 160 -5.49 -11.46 26.33
C CYS B 160 -6.75 -10.73 25.94
N ALA B 161 -6.60 -9.54 25.35
CA ALA B 161 -7.74 -8.74 24.93
C ALA B 161 -7.99 -8.88 23.44
N LYS B 162 -9.26 -9.03 23.06
CA LYS B 162 -9.56 -9.19 21.63
C LYS B 162 -9.41 -7.87 20.89
N VAL B 163 -8.96 -7.96 19.64
CA VAL B 163 -8.82 -6.80 18.78
C VAL B 163 -10.12 -6.55 18.02
N GLY B 164 -10.60 -5.31 18.07
CA GLY B 164 -11.74 -4.87 17.30
C GLY B 164 -11.44 -3.54 16.65
N VAL B 165 -12.50 -2.74 16.47
CA VAL B 165 -12.40 -1.48 15.75
C VAL B 165 -13.14 -0.41 16.54
N VAL B 166 -12.54 0.77 16.62
CA VAL B 166 -13.21 1.96 17.14
C VAL B 166 -13.15 3.01 16.04
N ILE B 167 -14.15 3.87 16.00
CA ILE B 167 -14.19 4.94 15.02
C ILE B 167 -13.42 6.13 15.57
N GLN B 168 -12.42 6.56 14.82
CA GLN B 168 -11.53 7.66 15.20
C GLN B 168 -11.42 8.58 13.99
N ASN B 169 -11.90 9.82 14.12
CA ASN B 169 -11.87 10.79 13.03
C ASN B 169 -12.47 10.21 11.74
N GLY B 170 -13.60 9.53 11.88
CA GLY B 170 -14.28 9.00 10.72
C GLY B 170 -13.63 7.79 10.08
N LYS B 171 -12.64 7.19 10.72
CA LYS B 171 -11.95 6.02 10.17
C LYS B 171 -12.07 4.85 11.12
N ARG B 172 -11.99 3.64 10.56
CA ARG B 172 -12.00 2.42 11.35
C ARG B 172 -10.59 2.14 11.86
N ARG B 173 -10.36 2.35 13.15
CA ARG B 173 -9.05 2.19 13.76
C ARG B 173 -9.05 0.90 14.57
N LEU B 174 -8.07 0.02 14.32
CA LEU B 174 -8.00 -1.20 15.10
C LEU B 174 -7.58 -0.85 16.52
N ALA B 175 -8.17 -1.55 17.49
CA ALA B 175 -8.03 -1.20 18.90
C ALA B 175 -8.45 -2.41 19.71
N LEU B 176 -8.25 -2.31 21.03
CA LEU B 176 -8.70 -3.40 21.90
C LEU B 176 -10.19 -3.22 22.19
N VAL B 177 -11.00 -4.22 21.78
CA VAL B 177 -12.45 -4.21 21.98
C VAL B 177 -12.84 -5.63 22.33
N ASN B 178 -12.70 -5.96 23.62
CA ASN B 178 -12.67 -7.37 24.04
C ASN B 178 -13.95 -8.13 23.75
N GLU B 179 -15.10 -7.46 23.72
N GLU B 179 -15.10 -7.45 23.71
CA GLU B 179 -16.37 -8.15 23.52
CA GLU B 179 -16.37 -8.13 23.53
C GLU B 179 -17.03 -7.88 22.17
C GLU B 179 -16.86 -8.12 22.10
N ASN B 180 -16.31 -7.28 21.24
CA ASN B 180 -16.79 -7.14 19.85
C ASN B 180 -15.60 -7.25 18.91
N PRO B 181 -15.02 -8.45 18.81
CA PRO B 181 -13.79 -8.59 18.03
C PRO B 181 -14.05 -8.48 16.54
N LEU B 182 -13.01 -8.08 15.82
CA LEU B 182 -13.05 -8.06 14.37
C LEU B 182 -12.79 -9.47 13.85
N ASP B 183 -13.75 -10.03 13.10
CA ASP B 183 -13.51 -11.31 12.44
C ASP B 183 -12.67 -11.08 11.19
N VAL B 184 -11.59 -11.85 11.05
CA VAL B 184 -10.66 -11.63 9.94
C VAL B 184 -10.35 -12.95 9.24
N LEU B 185 -9.94 -12.83 7.97
CA LEU B 185 -9.38 -13.92 7.19
C LEU B 185 -8.01 -13.49 6.69
N PHE B 186 -7.22 -14.45 6.24
CA PHE B 186 -5.86 -14.16 5.80
C PHE B 186 -5.74 -14.52 4.33
N GLN B 187 -5.49 -13.53 3.49
CA GLN B 187 -5.49 -13.68 2.04
C GLN B 187 -4.05 -13.65 1.56
N GLU B 188 -3.52 -14.79 1.16
N GLU B 188 -3.54 -14.80 1.14
CA GLU B 188 -2.13 -14.82 0.73
CA GLU B 188 -2.15 -14.86 0.68
C GLU B 188 -1.94 -14.03 -0.55
C GLU B 188 -1.97 -13.99 -0.57
N VAL B 189 -0.88 -13.24 -0.58
CA VAL B 189 -0.50 -12.47 -1.75
C VAL B 189 0.99 -12.70 -2.01
N HIS B 190 1.38 -12.69 -3.28
CA HIS B 190 2.80 -12.72 -3.57
C HIS B 190 3.07 -12.05 -4.91
N HIS B 191 4.34 -11.82 -5.18
CA HIS B 191 4.74 -11.15 -6.40
C HIS B 191 4.64 -12.06 -7.61
N HIS B 192 4.24 -11.47 -8.74
CA HIS B 192 4.23 -12.14 -10.05
C HIS B 192 5.05 -11.25 -10.98
N HIS B 193 6.38 -11.38 -10.91
CA HIS B 193 7.25 -10.52 -11.69
C HIS B 193 7.24 -10.89 -13.16
N HIS B 194 6.90 -12.13 -13.50
CA HIS B 194 6.82 -12.56 -14.89
C HIS B 194 5.48 -13.27 -15.15
C1 GOL C . 3.36 -7.56 -9.38
C1 GOL C . 3.51 -7.78 -9.42
O1 GOL C . 2.81 -8.37 -8.37
O1 GOL C . 2.98 -8.46 -8.32
C2 GOL C . 4.87 -7.42 -9.08
C2 GOL C . 4.99 -7.49 -9.12
O2 GOL C . 5.47 -8.66 -8.86
O2 GOL C . 5.14 -6.68 -8.00
C3 GOL C . 5.45 -6.69 -10.33
C3 GOL C . 5.53 -6.82 -10.40
O3 GOL C . 6.82 -6.58 -10.15
O3 GOL C . 6.90 -6.62 -10.21
C1 GOL D . 5.70 11.93 1.92
O1 GOL D . 4.70 11.59 1.01
C2 GOL D . 6.26 10.61 2.44
O2 GOL D . 5.27 9.78 2.98
C3 GOL D . 6.95 10.00 1.21
O3 GOL D . 6.64 8.64 1.20
C1 GOL E . -1.87 2.21 -26.28
O1 GOL E . -2.05 2.82 -25.03
C2 GOL E . -0.62 2.85 -26.92
O2 GOL E . -0.93 3.99 -27.64
C3 GOL E . 0.00 1.76 -27.81
O3 GOL E . 1.24 1.36 -27.25
C1 GOL F . -0.61 -0.49 -1.74
O1 GOL F . -0.46 0.86 -1.44
C2 GOL F . -2.10 -0.85 -1.54
O2 GOL F . -2.56 -1.69 -2.55
C3 GOL F . -2.86 0.51 -1.45
O3 GOL F . -2.81 1.13 -2.69
C1 GOL G . 21.42 -1.22 -24.48
O1 GOL G . 20.26 -1.18 -25.28
C2 GOL G . 22.59 -0.68 -25.36
O2 GOL G . 22.10 -0.11 -26.52
C3 GOL G . 23.47 -1.92 -25.69
O3 GOL G . 24.62 -1.85 -24.93
OH2 ETE H . -13.62 3.09 1.47
C12 ETE H . -12.25 3.04 1.18
C22 ETE H . -11.84 4.40 0.58
OH3 ETE H . -10.56 4.74 1.00
C13 ETE H . -8.90 6.44 0.64
C23 ETE H . -9.78 5.36 0.01
OH4 ETE H . -7.71 5.86 1.09
C14 ETE H . -6.27 6.40 2.91
C24 ETE H . -7.61 5.78 2.48
OH5 ETE H . -6.48 7.14 4.08
C15 ETE H . -5.70 9.37 4.46
C25 ETE H . -6.80 8.49 3.85
OH6 ETE H . -4.79 9.72 3.46
C26 ETE H . -4.72 11.09 3.21
C1 MAN I . -10.41 -19.76 6.65
C2 MAN I . -10.52 -21.19 6.04
C3 MAN I . -10.48 -22.24 7.17
C4 MAN I . -10.71 -21.59 8.54
C5 MAN I . -11.90 -20.62 8.42
C6 MAN I . -12.33 -20.09 9.77
O1 MAN I . -10.35 -18.83 5.60
O2 MAN I . -9.44 -21.53 5.17
O4 MAN I . -10.95 -22.59 9.53
O5 MAN I . -11.47 -19.48 7.60
O6 MAN I . -13.75 -20.21 9.90
C1 GOL J . 9.84 -4.53 6.31
C1 GOL J . 9.95 -4.40 6.46
O1 GOL J . 10.50 -3.64 5.45
O1 GOL J . 10.40 -3.87 5.24
C2 GOL J . 10.02 -5.95 5.72
C2 GOL J . 9.27 -5.77 6.17
O2 GOL J . 11.34 -6.21 5.41
O2 GOL J . 9.09 -6.02 4.81
C3 GOL J . 9.47 -6.91 6.81
C3 GOL J . 10.17 -6.83 6.85
O3 GOL J . 9.88 -8.20 6.46
O3 GOL J . 9.69 -8.09 6.45
C1 GOL K . -11.56 5.07 4.94
O1 GOL K . -11.31 4.01 4.07
C2 GOL K . -10.41 5.16 5.98
O2 GOL K . -9.24 5.57 5.39
C3 GOL K . -10.30 3.74 6.60
O3 GOL K . -11.13 3.64 7.73
C1 GOL L . 0.89 5.40 31.05
O1 GOL L . 0.57 5.34 29.68
C2 GOL L . -0.35 4.86 31.80
O2 GOL L . -0.19 4.83 33.16
C3 GOL L . -1.42 5.84 31.42
O3 GOL L . -2.18 5.23 30.45
C1 GOL M . 0.14 0.54 1.53
O1 GOL M . -0.81 -0.44 1.80
C2 GOL M . 0.88 0.80 2.85
O2 GOL M . 2.07 1.46 2.65
C3 GOL M . -0.11 1.62 3.70
O3 GOL M . -1.36 1.70 3.07
#